data_7QX2
#
_entry.id   7QX2
#
_cell.length_a   37.272
_cell.length_b   35.071
_cell.length_c   37.900
_cell.angle_alpha   90.000
_cell.angle_beta   93.340
_cell.angle_gamma   90.000
#
_symmetry.space_group_name_H-M   'P 1 21 1'
#
loop_
_entity.id
_entity.type
_entity.pdbx_description
1 polymer 'Bromodomain adjacent to zinc finger domain protein 2A'
2 non-polymer 1-[5-[2-[(4-azanylpiperidin-1-yl)methyl]-1,3-thiazol-4-yl]-4-ethyl-2-methyl-1~{H}-pyrrol-3-yl]ethanone
3 water water
#
_entity_poly.entity_id   1
_entity_poly.type   'polypeptide(L)'
_entity_poly.pdbx_seq_one_letter_code
;SMHSDLTFCEIILMEMESHDAAWPFLEPVNPRLVSGYRRIIKNPMDFSTMRHRLSRGGYTSSEEFAADALLVFDNCQTFN
EDDSEVGKAGHIMRRFFESRWEEFY
;
_entity_poly.pdbx_strand_id   A
#
loop_
_chem_comp.id
_chem_comp.type
_chem_comp.name
_chem_comp.formula
G1U non-polymer 1-[5-[2-[(4-azanylpiperidin-1-yl)methyl]-1,3-thiazol-4-yl]-4-ethyl-2-methyl-1~{H}-pyrrol-3-yl]ethanone 'C18 H26 N4 O S'
#
# COMPACT_ATOMS: atom_id res chain seq x y z
N SER A 1 16.69 -1.30 -11.78
CA SER A 1 16.57 -1.46 -10.34
C SER A 1 16.34 -0.12 -9.63
N MET A 2 15.90 -0.20 -8.37
CA MET A 2 15.60 1.00 -7.58
C MET A 2 16.80 1.92 -7.46
N HIS A 3 16.58 3.20 -7.70
CA HIS A 3 17.62 4.17 -7.40
C HIS A 3 17.73 4.37 -5.88
N SER A 4 18.96 4.58 -5.41
CA SER A 4 19.20 4.73 -3.98
C SER A 4 18.45 5.91 -3.36
N ASP A 5 18.09 6.92 -4.16
CA ASP A 5 17.37 8.05 -3.59
C ASP A 5 15.98 7.67 -3.11
N LEU A 6 15.48 6.48 -3.47
CA LEU A 6 14.18 5.99 -3.04
C LEU A 6 14.29 5.02 -1.89
N THR A 7 15.47 4.87 -1.28
CA THR A 7 15.60 3.94 -0.17
C THR A 7 14.66 4.29 0.96
N PHE A 8 14.39 5.58 1.21
CA PHE A 8 13.46 5.96 2.25
C PHE A 8 12.07 5.39 2.01
N CYS A 9 11.68 5.24 0.74
CA CYS A 9 10.40 4.61 0.43
C CYS A 9 10.45 3.10 0.67
N GLU A 10 11.57 2.47 0.32
CA GLU A 10 11.73 1.06 0.59
C GLU A 10 11.55 0.77 2.07
N ILE A 11 12.09 1.66 2.90
CA ILE A 11 11.99 1.51 4.35
C ILE A 11 10.56 1.74 4.83
N ILE A 12 9.88 2.79 4.34
CA ILE A 12 8.48 3.00 4.70
C ILE A 12 7.64 1.77 4.37
N LEU A 13 7.86 1.19 3.19
CA LEU A 13 7.07 0.03 2.81
C LEU A 13 7.35 -1.17 3.72
N MET A 14 8.63 -1.39 4.03
CA MET A 14 8.99 -2.45 4.97
C MET A 14 8.27 -2.24 6.30
N GLU A 15 8.27 -1.02 6.80
CA GLU A 15 7.62 -0.75 8.07
C GLU A 15 6.11 -0.94 7.96
N MET A 16 5.51 -0.55 6.84
CA MET A 16 4.08 -0.80 6.66
C MET A 16 3.78 -2.30 6.66
N GLU A 17 4.59 -3.08 5.95
CA GLU A 17 4.36 -4.52 5.89
C GLU A 17 4.44 -5.16 7.27
N SER A 18 5.24 -4.59 8.16
CA SER A 18 5.43 -5.14 9.50
C SER A 18 4.35 -4.70 10.47
N HIS A 19 3.50 -3.76 10.08
CA HIS A 19 2.53 -3.19 11.01
C HIS A 19 1.44 -4.20 11.34
N ASP A 20 0.94 -4.09 12.57
CA ASP A 20 -0.09 -4.98 13.05
C ASP A 20 -1.35 -4.96 12.18
N ALA A 21 -1.66 -3.83 11.55
CA ALA A 21 -2.84 -3.67 10.71
C ALA A 21 -2.58 -3.93 9.22
N ALA A 22 -1.41 -4.46 8.86
CA ALA A 22 -1.06 -4.63 7.46
C ALA A 22 -1.58 -5.91 6.85
N TRP A 23 -2.03 -6.87 7.66
CA TRP A 23 -2.33 -8.21 7.16
C TRP A 23 -3.29 -8.23 5.97
N PRO A 24 -4.31 -7.37 5.86
CA PRO A 24 -5.16 -7.46 4.66
C PRO A 24 -4.45 -7.11 3.38
N PHE A 25 -3.35 -6.35 3.45
CA PHE A 25 -2.81 -5.64 2.30
C PHE A 25 -1.50 -6.23 1.80
N LEU A 26 -1.07 -7.37 2.34
CA LEU A 26 0.26 -7.88 2.04
C LEU A 26 0.36 -8.42 0.62
N GLU A 27 -0.72 -9.01 0.12
N GLU A 27 -0.71 -9.03 0.12
CA GLU A 27 -0.77 -9.65 -1.18
CA GLU A 27 -0.73 -9.64 -1.20
C GLU A 27 -2.00 -9.16 -1.91
C GLU A 27 -2.02 -9.23 -1.90
N PRO A 28 -2.08 -9.35 -3.22
CA PRO A 28 -3.28 -8.92 -3.96
C PRO A 28 -4.55 -9.48 -3.33
N VAL A 29 -5.63 -8.68 -3.38
CA VAL A 29 -6.93 -9.21 -2.93
C VAL A 29 -7.23 -10.49 -3.69
N ASN A 30 -7.60 -11.50 -2.95
CA ASN A 30 -7.59 -12.89 -3.42
C ASN A 30 -8.98 -13.36 -3.84
N PRO A 31 -9.19 -13.66 -5.13
CA PRO A 31 -10.52 -14.16 -5.54
C PRO A 31 -10.91 -15.46 -4.90
N ARG A 32 -9.96 -16.20 -4.34
CA ARG A 32 -10.31 -17.41 -3.61
C ARG A 32 -11.04 -17.08 -2.33
N LEU A 33 -11.02 -15.83 -1.88
CA LEU A 33 -11.60 -15.44 -0.62
C LEU A 33 -12.76 -14.47 -0.72
N VAL A 34 -12.94 -13.81 -1.87
CA VAL A 34 -14.03 -12.84 -2.02
C VAL A 34 -14.29 -12.69 -3.50
N SER A 35 -15.56 -12.60 -3.85
CA SER A 35 -16.00 -12.41 -5.23
C SER A 35 -16.29 -10.94 -5.50
N GLY A 36 -16.29 -10.59 -6.78
CA GLY A 36 -16.71 -9.28 -7.21
C GLY A 36 -15.80 -8.15 -6.84
N TYR A 37 -14.51 -8.43 -6.55
CA TYR A 37 -13.59 -7.37 -6.18
C TYR A 37 -13.15 -6.56 -7.40
N ARG A 38 -12.52 -7.21 -8.38
CA ARG A 38 -12.11 -6.53 -9.60
C ARG A 38 -13.29 -6.05 -10.43
N ARG A 39 -14.50 -6.55 -10.16
CA ARG A 39 -15.69 -5.99 -10.80
C ARG A 39 -15.85 -4.50 -10.47
N ILE A 40 -15.47 -4.10 -9.25
CA ILE A 40 -15.65 -2.75 -8.71
C ILE A 40 -14.35 -1.97 -8.68
N ILE A 41 -13.25 -2.65 -8.36
CA ILE A 41 -11.97 -2.01 -8.11
C ILE A 41 -11.13 -2.13 -9.38
N LYS A 42 -10.94 -1.03 -10.10
CA LYS A 42 -10.28 -1.02 -11.42
C LYS A 42 -8.76 -1.08 -11.33
N ASN A 43 -8.17 -0.66 -10.21
CA ASN A 43 -6.72 -0.66 -10.08
C ASN A 43 -6.34 -1.27 -8.73
N PRO A 44 -6.41 -2.57 -8.62
CA PRO A 44 -5.99 -3.23 -7.38
C PRO A 44 -4.56 -2.88 -7.04
N MET A 45 -4.27 -2.84 -5.74
CA MET A 45 -2.91 -2.58 -5.30
C MET A 45 -2.69 -3.24 -3.94
N ASP A 46 -1.44 -3.64 -3.69
CA ASP A 46 -1.09 -4.34 -2.46
C ASP A 46 0.41 -4.13 -2.23
N PHE A 47 0.86 -4.45 -1.01
CA PHE A 47 2.23 -4.12 -0.63
C PHE A 47 3.28 -4.99 -1.34
N SER A 48 2.97 -6.25 -1.64
CA SER A 48 3.95 -7.08 -2.35
CA SER A 48 3.95 -7.08 -2.35
CA SER A 48 3.94 -7.08 -2.36
C SER A 48 4.14 -6.56 -3.77
N THR A 49 3.05 -6.17 -4.44
CA THR A 49 3.16 -5.59 -5.76
C THR A 49 4.03 -4.33 -5.70
N MET A 50 3.78 -3.49 -4.69
CA MET A 50 4.62 -2.30 -4.51
C MET A 50 6.07 -2.66 -4.26
N ARG A 51 6.34 -3.66 -3.43
CA ARG A 51 7.71 -4.01 -3.07
CA ARG A 51 7.71 -4.01 -3.07
C ARG A 51 8.49 -4.42 -4.31
N HIS A 52 7.87 -5.20 -5.18
CA HIS A 52 8.55 -5.68 -6.37
C HIS A 52 8.70 -4.57 -7.40
N ARG A 53 7.68 -3.72 -7.53
CA ARG A 53 7.78 -2.58 -8.44
C ARG A 53 8.90 -1.64 -8.00
N LEU A 54 8.99 -1.36 -6.72
CA LEU A 54 10.02 -0.47 -6.24
C LEU A 54 11.40 -1.05 -6.48
N SER A 55 11.59 -2.33 -6.14
CA SER A 55 12.92 -2.92 -6.24
CA SER A 55 12.92 -2.92 -6.24
C SER A 55 13.41 -2.99 -7.68
N ARG A 56 12.52 -3.20 -8.66
CA ARG A 56 12.96 -3.39 -10.03
CA ARG A 56 12.93 -3.39 -10.05
C ARG A 56 13.09 -2.09 -10.82
N GLY A 57 12.78 -0.94 -10.23
CA GLY A 57 12.87 0.33 -10.94
C GLY A 57 11.57 0.81 -11.54
N GLY A 58 10.45 0.20 -11.18
CA GLY A 58 9.15 0.59 -11.68
C GLY A 58 8.61 1.89 -11.12
N TYR A 59 9.22 2.43 -10.08
CA TYR A 59 8.87 3.75 -9.58
C TYR A 59 10.05 4.66 -9.88
N THR A 60 9.82 5.68 -10.70
CA THR A 60 10.84 6.69 -10.91
C THR A 60 10.88 7.70 -9.79
N SER A 61 9.74 8.01 -9.19
CA SER A 61 9.66 9.05 -8.17
CA SER A 61 9.61 9.07 -8.20
C SER A 61 8.95 8.56 -6.93
N SER A 62 9.28 9.20 -5.82
CA SER A 62 8.60 8.91 -4.57
C SER A 62 7.11 9.22 -4.66
N GLU A 63 6.71 10.15 -5.52
CA GLU A 63 5.29 10.47 -5.65
C GLU A 63 4.51 9.30 -6.23
N GLU A 64 5.12 8.56 -7.15
CA GLU A 64 4.45 7.39 -7.71
C GLU A 64 4.29 6.30 -6.66
N PHE A 65 5.32 6.12 -5.83
CA PHE A 65 5.22 5.18 -4.73
C PHE A 65 4.08 5.57 -3.80
N ALA A 66 4.02 6.83 -3.40
CA ALA A 66 2.98 7.28 -2.49
C ALA A 66 1.60 7.12 -3.09
N ALA A 67 1.47 7.33 -4.41
CA ALA A 67 0.18 7.17 -5.06
C ALA A 67 -0.30 5.73 -4.98
N ASP A 68 0.61 4.77 -5.14
CA ASP A 68 0.20 3.37 -4.97
C ASP A 68 -0.15 3.05 -3.53
N ALA A 69 0.61 3.58 -2.55
CA ALA A 69 0.21 3.39 -1.16
C ALA A 69 -1.21 3.88 -0.91
N LEU A 70 -1.51 5.09 -1.37
CA LEU A 70 -2.85 5.62 -1.14
C LEU A 70 -3.90 4.83 -1.89
N LEU A 71 -3.54 4.25 -3.02
CA LEU A 71 -4.46 3.42 -3.77
C LEU A 71 -4.87 2.19 -2.98
N VAL A 72 -3.92 1.58 -2.24
CA VAL A 72 -4.28 0.48 -1.35
C VAL A 72 -5.41 0.90 -0.41
N PHE A 73 -5.26 2.05 0.23
CA PHE A 73 -6.22 2.50 1.24
C PHE A 73 -7.51 3.01 0.60
N ASP A 74 -7.40 3.65 -0.57
CA ASP A 74 -8.58 4.11 -1.29
C ASP A 74 -9.43 2.93 -1.76
N ASN A 75 -8.78 1.90 -2.32
CA ASN A 75 -9.53 0.71 -2.71
C ASN A 75 -10.21 0.10 -1.50
N CYS A 76 -9.49 0.00 -0.38
CA CYS A 76 -10.05 -0.59 0.84
C CYS A 76 -11.32 0.13 1.25
N GLN A 77 -11.31 1.47 1.26
CA GLN A 77 -12.48 2.26 1.64
CA GLN A 77 -12.51 2.18 1.68
C GLN A 77 -13.61 2.14 0.63
N THR A 78 -13.28 1.90 -0.64
CA THR A 78 -14.32 1.74 -1.64
C THR A 78 -15.06 0.43 -1.45
N PHE A 79 -14.34 -0.63 -1.14
CA PHE A 79 -14.92 -1.96 -1.17
C PHE A 79 -15.49 -2.40 0.16
N ASN A 80 -14.88 -1.99 1.26
CA ASN A 80 -15.19 -2.53 2.58
C ASN A 80 -15.90 -1.47 3.41
N GLU A 81 -16.78 -1.92 4.31
CA GLU A 81 -17.51 -1.04 5.25
C GLU A 81 -16.50 -0.61 6.31
N ASP A 82 -16.60 0.61 6.81
CA ASP A 82 -15.65 1.14 7.79
C ASP A 82 -15.61 0.29 9.06
N ASP A 83 -16.71 -0.36 9.41
CA ASP A 83 -16.78 -1.13 10.65
C ASP A 83 -16.21 -2.53 10.52
N SER A 84 -15.86 -2.98 9.32
CA SER A 84 -15.32 -4.31 9.14
C SER A 84 -13.86 -4.36 9.58
N GLU A 85 -13.35 -5.57 9.80
CA GLU A 85 -11.97 -5.73 10.23
C GLU A 85 -11.00 -5.18 9.16
N VAL A 86 -11.25 -5.49 7.89
CA VAL A 86 -10.39 -4.95 6.84
C VAL A 86 -10.57 -3.45 6.72
N GLY A 87 -11.80 -2.96 6.84
CA GLY A 87 -12.01 -1.52 6.74
C GLY A 87 -11.26 -0.75 7.82
N LYS A 88 -11.34 -1.23 9.06
CA LYS A 88 -10.63 -0.58 10.15
C LYS A 88 -9.12 -0.62 9.92
N ALA A 89 -8.63 -1.73 9.39
CA ALA A 89 -7.20 -1.87 9.15
C ALA A 89 -6.73 -0.84 8.12
N GLY A 90 -7.52 -0.61 7.08
CA GLY A 90 -7.16 0.38 6.09
C GLY A 90 -6.99 1.77 6.67
N HIS A 91 -7.86 2.13 7.61
CA HIS A 91 -7.77 3.46 8.24
C HIS A 91 -6.54 3.58 9.13
N ILE A 92 -6.21 2.54 9.90
CA ILE A 92 -4.97 2.54 10.67
C ILE A 92 -3.79 2.71 9.75
N MET A 93 -3.77 1.94 8.65
CA MET A 93 -2.60 1.97 7.77
C MET A 93 -2.47 3.30 7.05
N ARG A 94 -3.58 3.93 6.67
CA ARG A 94 -3.47 5.24 6.05
C ARG A 94 -2.83 6.23 7.01
N ARG A 95 -3.28 6.24 8.26
CA ARG A 95 -2.70 7.15 9.24
CA ARG A 95 -2.71 7.15 9.25
C ARG A 95 -1.22 6.86 9.45
N PHE A 96 -0.86 5.58 9.55
CA PHE A 96 0.54 5.23 9.73
C PHE A 96 1.36 5.70 8.54
N PHE A 97 0.88 5.43 7.32
CA PHE A 97 1.61 5.87 6.14
C PHE A 97 1.80 7.37 6.12
N GLU A 98 0.71 8.12 6.35
CA GLU A 98 0.80 9.57 6.29
CA GLU A 98 0.81 9.58 6.29
C GLU A 98 1.78 10.10 7.34
N SER A 99 1.82 9.47 8.51
CA SER A 99 2.75 9.90 9.56
CA SER A 99 2.74 9.91 9.55
C SER A 99 4.19 9.68 9.15
N ARG A 100 4.48 8.57 8.45
CA ARG A 100 5.85 8.34 8.01
C ARG A 100 6.21 9.27 6.86
N TRP A 101 5.27 9.51 5.94
CA TRP A 101 5.51 10.40 4.80
C TRP A 101 5.78 11.83 5.27
N GLU A 102 5.05 12.28 6.29
CA GLU A 102 5.17 13.66 6.74
CA GLU A 102 5.17 13.67 6.75
C GLU A 102 6.54 13.97 7.35
N GLU A 103 7.31 12.95 7.71
CA GLU A 103 8.67 13.21 8.18
C GLU A 103 9.55 13.73 7.05
N PHE A 104 9.20 13.39 5.81
CA PHE A 104 9.98 13.77 4.63
C PHE A 104 9.36 14.89 3.83
N TYR A 105 8.06 15.08 3.92
CA TYR A 105 7.37 16.10 3.16
C TYR A 105 6.51 16.98 4.04
C01 G1U B . -11.02 -11.07 1.35
C02 G1U B . -11.02 -9.87 2.29
C03 G1U B . -9.79 -8.95 2.12
C04 G1U B . -8.56 -9.25 2.63
C06 G1U B . -8.35 -7.29 1.70
C07 G1U B . -7.69 -6.01 1.25
C08 G1U B . -9.66 -7.68 1.54
C09 G1U B . -10.69 -6.85 0.79
C11 G1U B . -11.98 -7.47 0.25
C12 G1U B . -8.07 -10.46 3.37
C13 G1U B . -8.78 -11.50 4.03
C15 G1U B . -6.37 -11.82 4.20
C16 G1U B . -4.96 -12.33 4.46
C18 G1U B . -3.94 -14.21 5.13
C19 G1U B . -3.96 -15.74 5.00
C20 G1U B . -3.91 -16.20 3.63
C22 G1U B . -4.88 -15.52 2.80
C23 G1U B . -4.90 -14.01 2.98
N05 G1U B . -7.71 -8.26 2.35
N17 G1U B . -4.99 -13.58 4.36
N21 G1U B . -4.15 -17.65 3.56
N24 G1U B . -6.64 -10.67 3.49
O10 G1U B . -10.45 -5.70 0.56
S14 G1U B . -7.75 -12.57 4.67
H013 G1U B . -11.93 -11.24 1.04
H011 G1U B . -10.71 -11.86 1.84
H012 G1U B . -10.44 -10.91 0.60
H022 G1U B . -11.81 -9.34 2.11
H021 G1U B . -11.03 -10.18 3.20
H071 G1U B . -8.35 -5.42 0.85
H073 G1U B . -7.00 -6.21 0.60
H072 G1U B . -7.29 -5.56 2.02
H111 G1U B . -12.58 -6.76 -0.04
H112 G1U B . -12.40 -7.99 0.95
H113 G1U B . -11.77 -8.05 -0.50
H131 G1U B . -9.71 -11.57 4.09
H162 G1U B . -4.68 -12.08 5.36
H161 G1U B . -4.34 -11.96 3.81
H181 G1U B . -4.05 -13.97 6.06
H182 G1U B . -3.08 -13.88 4.83
H191 G1U B . -4.77 -16.07 5.42
H192 G1U B . -3.18 -16.10 5.48
H201 G1U B . -3.03 -16.02 3.29
H222 G1U B . -4.66 -15.71 1.86
H221 G1U B . -5.76 -15.87 2.98
H231 G1U B . -4.09 -13.64 2.60
H232 G1U B . -5.66 -13.66 2.51
H051 G1U B . -6.89 -8.23 2.59
H212 G1U B . -4.03 -17.94 2.73
H211 G1U B . -3.58 -18.08 4.11
C01 G1U C . -6.08 -14.09 8.33
C02 G1U C . -7.20 -15.05 8.71
C03 G1U C . -8.42 -14.85 7.80
C04 G1U C . -9.45 -13.94 8.02
C06 G1U C . -9.90 -14.96 6.16
C07 G1U C . -10.63 -15.34 4.90
C08 G1U C . -8.71 -15.48 6.61
C09 G1U C . -7.98 -16.60 5.87
C11 G1U C . -7.20 -17.65 6.66
C12 G1U C . -9.66 -13.01 9.19
C13 G1U C . -10.50 -11.86 9.17
C15 G1U C . -9.57 -12.27 11.41
C16 G1U C . -9.13 -12.24 12.89
C18 G1U C . -9.00 -10.15 13.75
C19 G1U C . -8.02 -9.06 14.21
C20 G1U C . -6.86 -8.88 13.37
C22 G1U C . -6.21 -10.10 12.95
C23 G1U C . -7.18 -11.14 12.38
N05 G1U C . -10.32 -14.04 7.02
N17 G1U C . -8.38 -11.30 13.17
N21 G1U C . -5.88 -8.08 14.10
N24 G1U C . -9.15 -13.26 10.54
O10 G1U C . -8.10 -16.73 4.71
S14 G1U C . -10.53 -11.20 10.65
H013 G1U C . -6.07 -13.33 8.92
H011 G1U C . -6.20 -13.79 7.41
H012 G1U C . -5.22 -14.55 8.39
H022 G1U C . -6.89 -15.97 8.63
H021 G1U C . -7.46 -14.89 9.63
H071 G1U C . -11.41 -14.77 4.79
H073 G1U C . -10.92 -16.26 4.96
H072 G1U C . -10.04 -15.23 4.14
H111 G1U C . -6.39 -17.25 7.01
H112 G1U C . -7.74 -18.00 7.37
H113 G1U C . -6.96 -18.38 6.05
H131 G1U C . -10.95 -11.54 8.43
H162 G1U C . -8.68 -13.07 13.10
H161 G1U C . -9.93 -12.18 13.44
H181 G1U C . -9.60 -9.75 13.10
H182 G1U C . -9.52 -10.43 14.53
H191 G1U C . -7.71 -9.28 15.11
H192 G1U C . -8.50 -8.22 14.25
H201 G1U C . -7.13 -8.39 12.58
H222 G1U C . -5.76 -10.49 13.71
H221 G1U C . -5.56 -9.89 12.27
H231 G1U C . -6.72 -11.99 12.33
H232 G1U C . -7.43 -10.87 11.49
H051 G1U C . -11.04 -13.59 6.94
H212 G1U C . -5.20 -7.88 13.57
H211 G1U C . -6.27 -7.33 14.38
#